data_6I3D
#
_entry.id   6I3D
#
_cell.length_a   42.961
_cell.length_b   75.797
_cell.length_c   64.345
_cell.angle_alpha   90.00
_cell.angle_beta   94.62
_cell.angle_gamma   90.00
#
_symmetry.space_group_name_H-M   'P 1 21 1'
#
loop_
_entity.id
_entity.type
_entity.pdbx_description
1 polymer 'Catechol O-methyltransferase'
2 non-polymer 3,5-DINITROCATECHOL
3 non-polymer 'MAGNESIUM ION'
4 non-polymer SINEFUNGIN
5 water water
#
_entity_poly.entity_id   1
_entity_poly.type   'polypeptide(L)'
_entity_poly.pdbx_seq_one_letter_code
;HHHHHHENLYFQGDTKEQRILNHVLQHAEPGNAQSVLEAIDTYCEQKEWAMNVGDKKGKIVDAVIQEHQPSVLLELGAYC
GYSAVRMARLLSPGARLITIEINPDCAAITQRMVDFAGVKDKVTLVVGASQDIIPQLKKKYDVDTLDMVFLDHWKDRYLP
DTLLLEECGLLRKGTVLLADNVICPGAPDFLAHVRGSSCFECTHYQSFLEYREVVDGLEKAIYKGPGSEAGP
;
_entity_poly.pdbx_strand_id   A,B
#
# COMPACT_ATOMS: atom_id res chain seq x y z
N GLY A 13 1.69 -40.71 -15.61
N GLY A 13 3.28 -40.28 -16.53
CA GLY A 13 2.96 -41.30 -15.22
CA GLY A 13 3.25 -41.19 -15.39
C GLY A 13 3.63 -40.56 -14.06
C GLY A 13 3.73 -40.51 -14.12
N ASP A 14 3.25 -39.29 -13.89
CA ASP A 14 3.73 -38.51 -12.77
C ASP A 14 2.68 -37.45 -12.44
N THR A 15 2.95 -36.62 -11.44
CA THR A 15 2.00 -35.58 -11.05
C THR A 15 2.47 -34.22 -11.57
N LYS A 16 1.53 -33.28 -11.59
CA LYS A 16 1.88 -31.92 -12.02
C LYS A 16 3.01 -31.34 -11.17
N GLU A 17 2.97 -31.57 -9.86
CA GLU A 17 3.99 -30.99 -8.98
C GLU A 17 5.36 -31.60 -9.27
N GLN A 18 5.41 -32.90 -9.58
CA GLN A 18 6.65 -33.49 -10.06
C GLN A 18 7.11 -32.85 -11.36
N ARG A 19 6.19 -32.56 -12.30
CA ARG A 19 6.57 -31.96 -13.58
C ARG A 19 7.15 -30.56 -13.36
N ILE A 20 6.59 -29.79 -12.43
CA ILE A 20 7.15 -28.48 -12.11
C ILE A 20 8.56 -28.63 -11.53
N LEU A 21 8.73 -29.54 -10.55
CA LEU A 21 10.05 -29.73 -9.98
C LEU A 21 11.05 -30.18 -11.03
N ASN A 22 10.66 -31.16 -11.86
N ASN A 22 10.66 -31.16 -11.86
CA ASN A 22 11.60 -31.65 -12.87
CA ASN A 22 11.58 -31.67 -12.87
C ASN A 22 11.99 -30.55 -13.83
C ASN A 22 11.98 -30.58 -13.86
N HIS A 23 11.05 -29.69 -14.19
CA HIS A 23 11.40 -28.57 -15.05
C HIS A 23 12.46 -27.70 -14.39
N VAL A 24 12.31 -27.40 -13.11
CA VAL A 24 13.32 -26.63 -12.39
C VAL A 24 14.67 -27.36 -12.41
N LEU A 25 14.67 -28.67 -12.12
CA LEU A 25 15.94 -29.40 -12.03
C LEU A 25 16.68 -29.37 -13.35
N GLN A 26 15.95 -29.34 -14.45
N GLN A 26 15.97 -29.34 -14.47
CA GLN A 26 16.56 -29.42 -15.78
CA GLN A 26 16.65 -29.40 -15.75
C GLN A 26 16.84 -28.07 -16.41
C GLN A 26 16.92 -28.03 -16.36
N HIS A 27 16.27 -26.98 -15.88
CA HIS A 27 16.39 -25.65 -16.48
C HIS A 27 17.00 -24.60 -15.58
N ALA A 28 16.85 -24.70 -14.27
CA ALA A 28 17.30 -23.65 -13.36
C ALA A 28 18.72 -23.95 -12.87
N GLU A 29 19.34 -22.96 -12.25
CA GLU A 29 20.71 -23.07 -11.78
C GLU A 29 20.68 -23.46 -10.31
N PRO A 30 21.33 -24.56 -9.92
CA PRO A 30 21.37 -24.93 -8.50
C PRO A 30 21.92 -23.77 -7.66
N GLY A 31 21.25 -23.52 -6.54
CA GLY A 31 21.64 -22.48 -5.63
C GLY A 31 21.24 -21.07 -6.00
N ASN A 32 20.47 -20.90 -7.09
N ASN A 32 20.56 -20.86 -7.14
CA ASN A 32 20.11 -19.58 -7.62
CA ASN A 32 20.15 -19.53 -7.56
C ASN A 32 18.59 -19.40 -7.51
C ASN A 32 18.63 -19.42 -7.47
N ALA A 33 18.15 -18.71 -6.46
CA ALA A 33 16.73 -18.60 -6.21
C ALA A 33 15.98 -17.93 -7.36
N GLN A 34 16.54 -16.82 -7.89
N GLN A 34 16.53 -16.85 -7.92
CA GLN A 34 15.94 -16.15 -9.05
CA GLN A 34 15.78 -16.19 -8.99
C GLN A 34 15.64 -17.15 -10.15
C GLN A 34 15.68 -17.06 -10.24
N SER A 35 16.66 -17.96 -10.48
CA SER A 35 16.57 -18.90 -11.60
CA SER A 35 16.52 -18.86 -11.62
C SER A 35 15.46 -19.91 -11.36
N VAL A 36 15.32 -20.36 -10.12
CA VAL A 36 14.27 -21.31 -9.78
C VAL A 36 12.90 -20.68 -9.99
N LEU A 37 12.71 -19.44 -9.49
CA LEU A 37 11.43 -18.76 -9.67
C LEU A 37 11.11 -18.56 -11.15
N GLU A 38 12.12 -18.17 -11.94
CA GLU A 38 11.89 -17.94 -13.37
C GLU A 38 11.49 -19.24 -14.08
N ALA A 39 12.14 -20.36 -13.72
CA ALA A 39 11.79 -21.65 -14.35
C ALA A 39 10.37 -22.08 -13.99
N ILE A 40 9.97 -21.90 -12.72
CA ILE A 40 8.61 -22.24 -12.33
C ILE A 40 7.61 -21.37 -13.08
N ASP A 41 7.82 -20.04 -13.07
CA ASP A 41 6.88 -19.16 -13.72
C ASP A 41 6.80 -19.41 -15.23
N THR A 42 7.93 -19.72 -15.87
CA THR A 42 7.91 -19.99 -17.29
C THR A 42 7.11 -21.26 -17.58
N TYR A 43 7.37 -22.31 -16.81
CA TYR A 43 6.67 -23.58 -17.01
C TYR A 43 5.18 -23.39 -16.81
N CYS A 44 4.79 -22.63 -15.79
CA CYS A 44 3.38 -22.52 -15.46
C CYS A 44 2.65 -21.56 -16.39
N GLU A 45 3.37 -20.58 -16.95
N GLU A 45 3.38 -20.60 -16.98
CA GLU A 45 2.78 -19.74 -17.98
CA GLU A 45 2.80 -19.72 -17.98
C GLU A 45 2.57 -20.50 -19.28
C GLU A 45 2.63 -20.40 -19.32
N GLN A 46 3.58 -21.26 -19.70
CA GLN A 46 3.62 -21.83 -21.04
C GLN A 46 3.05 -23.24 -21.14
N LYS A 47 3.11 -24.04 -20.08
CA LYS A 47 2.76 -25.46 -20.14
C LYS A 47 1.59 -25.85 -19.26
N GLU A 48 1.64 -25.58 -17.95
CA GLU A 48 0.57 -26.03 -17.04
C GLU A 48 0.39 -25.01 -15.93
N TRP A 49 -0.80 -24.41 -15.88
CA TRP A 49 -1.13 -23.50 -14.78
C TRP A 49 -0.96 -24.22 -13.44
N ALA A 50 -0.48 -23.47 -12.43
CA ALA A 50 -0.44 -24.01 -11.06
C ALA A 50 -0.58 -22.85 -10.09
N MET A 51 -1.01 -23.19 -8.87
N MET A 51 -0.99 -23.19 -8.86
CA MET A 51 -1.42 -22.19 -7.87
CA MET A 51 -1.40 -22.22 -7.84
C MET A 51 -0.27 -21.56 -7.09
C MET A 51 -0.26 -21.57 -7.08
N ASN A 52 0.85 -21.24 -7.75
CA ASN A 52 1.92 -20.48 -7.12
C ASN A 52 1.54 -19.00 -7.12
N VAL A 53 2.06 -18.23 -6.15
CA VAL A 53 1.68 -16.82 -6.13
C VAL A 53 2.11 -16.12 -7.43
N GLY A 54 3.21 -16.57 -8.03
CA GLY A 54 3.66 -16.12 -9.34
C GLY A 54 4.43 -14.81 -9.31
N ASP A 55 4.86 -14.37 -10.49
CA ASP A 55 5.81 -13.27 -10.54
CA ASP A 55 5.79 -13.27 -10.59
C ASP A 55 5.16 -11.91 -10.32
N LYS A 56 3.95 -11.68 -10.83
N LYS A 56 3.95 -11.67 -10.82
CA LYS A 56 3.35 -10.35 -10.70
CA LYS A 56 3.36 -10.34 -10.68
C LYS A 56 2.93 -10.08 -9.25
C LYS A 56 2.93 -10.08 -9.25
N LYS A 57 2.18 -11.01 -8.64
CA LYS A 57 1.86 -10.85 -7.22
C LYS A 57 3.11 -11.04 -6.38
N GLY A 58 4.06 -11.87 -6.84
CA GLY A 58 5.31 -12.01 -6.11
C GLY A 58 6.08 -10.71 -5.97
N LYS A 59 5.98 -9.81 -6.95
CA LYS A 59 6.62 -8.50 -6.80
C LYS A 59 5.99 -7.71 -5.65
N ILE A 60 4.69 -7.88 -5.42
CA ILE A 60 4.03 -7.23 -4.29
C ILE A 60 4.48 -7.86 -2.98
N VAL A 61 4.55 -9.19 -2.91
CA VAL A 61 5.12 -9.86 -1.75
C VAL A 61 6.52 -9.35 -1.43
N ASP A 62 7.37 -9.25 -2.47
CA ASP A 62 8.73 -8.76 -2.28
C ASP A 62 8.71 -7.37 -1.67
N ALA A 63 7.84 -6.48 -2.18
CA ALA A 63 7.79 -5.10 -1.70
C ALA A 63 7.33 -5.03 -0.25
N VAL A 64 6.39 -5.89 0.14
CA VAL A 64 5.95 -5.93 1.54
C VAL A 64 7.10 -6.37 2.45
N ILE A 65 7.87 -7.37 2.01
CA ILE A 65 9.00 -7.81 2.81
C ILE A 65 10.06 -6.73 2.88
N GLN A 66 10.30 -6.03 1.77
CA GLN A 66 11.29 -4.97 1.81
CA GLN A 66 11.29 -4.96 1.80
C GLN A 66 10.85 -3.81 2.71
N GLU A 67 9.53 -3.55 2.75
N GLU A 67 9.56 -3.50 2.75
CA GLU A 67 8.98 -2.43 3.52
CA GLU A 67 9.18 -2.37 3.60
C GLU A 67 9.00 -2.71 5.02
C GLU A 67 9.18 -2.76 5.08
N HIS A 68 8.70 -3.95 5.41
CA HIS A 68 8.52 -4.29 6.83
C HIS A 68 9.66 -5.08 7.45
N GLN A 69 10.60 -5.56 6.63
CA GLN A 69 11.84 -6.18 7.10
C GLN A 69 11.64 -7.33 8.11
N PRO A 70 10.78 -8.31 7.80
CA PRO A 70 10.59 -9.42 8.72
C PRO A 70 11.83 -10.29 8.79
N SER A 71 12.05 -10.88 9.96
CA SER A 71 13.04 -11.94 10.09
C SER A 71 12.49 -13.23 10.65
N VAL A 72 11.28 -13.26 11.19
CA VAL A 72 10.57 -14.49 11.54
C VAL A 72 9.25 -14.48 10.77
N LEU A 73 9.15 -15.35 9.79
N LEU A 73 9.10 -15.37 9.78
CA LEU A 73 8.01 -15.37 8.90
CA LEU A 73 8.01 -15.30 8.81
C LEU A 73 7.35 -16.74 9.02
C LEU A 73 7.35 -16.67 8.66
N LEU A 74 6.04 -16.74 8.87
CA LEU A 74 5.27 -17.98 8.79
C LEU A 74 4.50 -18.00 7.48
N GLU A 75 4.57 -19.09 6.74
CA GLU A 75 3.79 -19.27 5.53
C GLU A 75 2.80 -20.40 5.75
N LEU A 76 1.55 -20.17 5.38
CA LEU A 76 0.51 -21.19 5.43
C LEU A 76 0.24 -21.65 4.00
N GLY A 77 0.64 -22.88 3.69
CA GLY A 77 0.51 -23.44 2.34
C GLY A 77 1.77 -23.28 1.52
N ALA A 78 2.51 -24.38 1.33
CA ALA A 78 3.79 -24.34 0.64
C ALA A 78 3.69 -24.77 -0.83
N TYR A 79 2.85 -25.78 -1.11
CA TYR A 79 2.65 -26.31 -2.46
C TYR A 79 3.96 -26.87 -3.03
N CYS A 80 4.57 -26.21 -4.03
CA CYS A 80 5.84 -26.67 -4.60
C CYS A 80 7.03 -25.88 -4.11
N GLY A 81 6.83 -24.91 -3.21
CA GLY A 81 7.93 -24.15 -2.67
C GLY A 81 8.20 -22.81 -3.35
N TYR A 82 7.39 -22.41 -4.35
CA TYR A 82 7.67 -21.18 -5.07
C TYR A 82 7.71 -19.99 -4.12
N SER A 83 6.66 -19.82 -3.29
CA SER A 83 6.63 -18.63 -2.43
C SER A 83 7.67 -18.73 -1.33
N ALA A 84 7.97 -19.94 -0.83
CA ALA A 84 9.02 -20.07 0.17
C ALA A 84 10.37 -19.65 -0.38
N VAL A 85 10.68 -20.07 -1.61
CA VAL A 85 11.92 -19.65 -2.24
C VAL A 85 11.91 -18.15 -2.47
N ARG A 86 10.78 -17.63 -2.96
CA ARG A 86 10.68 -16.21 -3.25
C ARG A 86 10.93 -15.38 -2.01
N MET A 87 10.30 -15.74 -0.89
CA MET A 87 10.44 -14.92 0.30
C MET A 87 11.81 -15.14 0.96
N ALA A 88 12.27 -16.40 1.03
CA ALA A 88 13.53 -16.69 1.72
C ALA A 88 14.71 -15.99 1.05
N ARG A 89 14.65 -15.81 -0.28
CA ARG A 89 15.79 -15.19 -0.98
C ARG A 89 16.02 -13.76 -0.52
N LEU A 90 15.01 -13.11 0.06
CA LEU A 90 15.14 -11.73 0.52
C LEU A 90 15.64 -11.62 1.94
N LEU A 91 15.72 -12.73 2.67
CA LEU A 91 16.04 -12.71 4.09
C LEU A 91 17.54 -12.89 4.32
N SER A 92 18.03 -12.37 5.44
CA SER A 92 19.45 -12.50 5.76
C SER A 92 19.69 -13.70 6.66
N PRO A 93 20.94 -14.17 6.76
CA PRO A 93 21.20 -15.32 7.62
C PRO A 93 20.71 -15.04 9.03
N GLY A 94 20.22 -16.09 9.66
CA GLY A 94 19.57 -15.98 10.94
C GLY A 94 18.09 -15.77 10.86
N ALA A 95 17.58 -15.31 9.71
CA ALA A 95 16.14 -15.21 9.58
C ALA A 95 15.55 -16.61 9.48
N ARG A 96 14.26 -16.70 9.75
CA ARG A 96 13.57 -18.00 9.73
C ARG A 96 12.26 -17.84 9.01
N LEU A 97 12.03 -18.69 7.99
N LEU A 97 12.08 -18.64 7.96
CA LEU A 97 10.74 -18.80 7.33
CA LEU A 97 10.79 -18.84 7.32
C LEU A 97 10.20 -20.20 7.61
C LEU A 97 10.33 -20.21 7.77
N ILE A 98 9.19 -20.26 8.46
CA ILE A 98 8.55 -21.51 8.83
C ILE A 98 7.38 -21.67 7.88
N THR A 99 7.31 -22.80 7.18
CA THR A 99 6.23 -23.01 6.22
C THR A 99 5.52 -24.31 6.58
N ILE A 100 4.18 -24.26 6.60
CA ILE A 100 3.35 -25.38 7.01
C ILE A 100 2.59 -25.89 5.80
N GLU A 101 2.67 -27.21 5.55
CA GLU A 101 2.06 -27.81 4.37
C GLU A 101 1.37 -29.10 4.78
N ILE A 102 0.08 -29.22 4.46
CA ILE A 102 -0.74 -30.33 4.93
C ILE A 102 -0.54 -31.57 4.07
N ASN A 103 -0.18 -31.40 2.80
CA ASN A 103 -0.12 -32.53 1.86
C ASN A 103 1.30 -33.06 1.86
N PRO A 104 1.55 -34.31 2.30
CA PRO A 104 2.95 -34.75 2.39
C PRO A 104 3.66 -34.84 1.06
N ASP A 105 2.94 -35.09 -0.05
CA ASP A 105 3.61 -35.09 -1.34
C ASP A 105 4.06 -33.68 -1.73
N CYS A 106 3.19 -32.67 -1.49
CA CYS A 106 3.62 -31.29 -1.72
C CYS A 106 4.78 -30.93 -0.83
N ALA A 107 4.74 -31.35 0.44
CA ALA A 107 5.88 -31.08 1.33
C ALA A 107 7.16 -31.66 0.75
N ALA A 108 7.10 -32.90 0.23
CA ALA A 108 8.30 -33.51 -0.34
C ALA A 108 8.82 -32.72 -1.54
N ILE A 109 7.92 -32.22 -2.39
CA ILE A 109 8.34 -31.36 -3.51
C ILE A 109 8.97 -30.06 -2.99
N THR A 110 8.29 -29.43 -2.00
CA THR A 110 8.78 -28.16 -1.46
C THR A 110 10.18 -28.32 -0.88
N GLN A 111 10.42 -29.40 -0.12
N GLN A 111 10.40 -29.41 -0.13
CA GLN A 111 11.75 -29.54 0.46
CA GLN A 111 11.70 -29.65 0.48
C GLN A 111 12.80 -29.67 -0.63
C GLN A 111 12.79 -29.73 -0.59
N ARG A 112 12.52 -30.46 -1.67
CA ARG A 112 13.49 -30.57 -2.75
C ARG A 112 13.70 -29.23 -3.46
N MET A 113 12.63 -28.44 -3.62
CA MET A 113 12.73 -27.16 -4.30
C MET A 113 13.56 -26.18 -3.48
N VAL A 114 13.26 -26.11 -2.18
CA VAL A 114 14.00 -25.24 -1.28
C VAL A 114 15.49 -25.63 -1.24
N ASP A 115 15.76 -26.93 -1.17
CA ASP A 115 17.15 -27.40 -1.16
C ASP A 115 17.84 -26.97 -2.44
N PHE A 116 17.20 -27.21 -3.60
CA PHE A 116 17.84 -26.90 -4.88
C PHE A 116 18.08 -25.40 -5.02
N ALA A 117 17.16 -24.58 -4.50
CA ALA A 117 17.27 -23.12 -4.62
C ALA A 117 18.37 -22.51 -3.76
N GLY A 118 18.94 -23.27 -2.81
CA GLY A 118 19.99 -22.75 -1.94
C GLY A 118 19.53 -22.04 -0.68
N VAL A 119 18.25 -22.10 -0.33
CA VAL A 119 17.69 -21.38 0.82
C VAL A 119 17.32 -22.30 1.98
N LYS A 120 17.77 -23.54 1.97
CA LYS A 120 17.29 -24.46 3.02
C LYS A 120 17.66 -24.00 4.43
N ASP A 121 18.78 -23.29 4.61
CA ASP A 121 19.16 -22.88 5.96
C ASP A 121 18.24 -21.82 6.54
N LYS A 122 17.40 -21.19 5.73
CA LYS A 122 16.44 -20.22 6.23
C LYS A 122 15.04 -20.78 6.37
N VAL A 123 14.79 -22.02 5.96
CA VAL A 123 13.43 -22.54 5.88
C VAL A 123 13.26 -23.71 6.84
N THR A 124 12.15 -23.71 7.58
CA THR A 124 11.76 -24.85 8.41
C THR A 124 10.41 -25.29 7.87
N LEU A 125 10.38 -26.42 7.18
CA LEU A 125 9.15 -26.96 6.62
C LEU A 125 8.52 -27.92 7.63
N VAL A 126 7.25 -27.71 7.92
CA VAL A 126 6.51 -28.58 8.83
C VAL A 126 5.37 -29.23 8.06
N VAL A 127 5.30 -30.56 8.13
CA VAL A 127 4.21 -31.31 7.53
C VAL A 127 3.06 -31.40 8.51
N GLY A 128 1.93 -30.86 8.13
CA GLY A 128 0.74 -30.93 8.95
C GLY A 128 -0.22 -29.82 8.60
N ALA A 129 -1.39 -29.86 9.23
CA ALA A 129 -2.40 -28.84 9.03
C ALA A 129 -2.07 -27.61 9.88
N SER A 130 -2.20 -26.44 9.28
CA SER A 130 -1.92 -25.19 9.99
C SER A 130 -2.62 -25.14 11.37
N GLN A 131 -3.88 -25.57 11.44
CA GLN A 131 -4.60 -25.47 12.70
C GLN A 131 -4.02 -26.38 13.79
N ASP A 132 -3.31 -27.44 13.41
CA ASP A 132 -2.65 -28.31 14.38
C ASP A 132 -1.26 -27.83 14.73
N ILE A 133 -0.55 -27.22 13.77
CA ILE A 133 0.84 -26.82 13.99
C ILE A 133 0.93 -25.46 14.67
N ILE A 134 0.04 -24.53 14.31
CA ILE A 134 0.13 -23.17 14.83
C ILE A 134 0.27 -23.15 16.36
N PRO A 135 -0.50 -23.93 17.12
CA PRO A 135 -0.38 -23.86 18.60
C PRO A 135 0.93 -24.44 19.14
N GLN A 136 1.71 -25.14 18.31
CA GLN A 136 2.99 -25.71 18.69
C GLN A 136 4.16 -24.80 18.40
N LEU A 137 3.93 -23.67 17.73
CA LEU A 137 5.06 -22.90 17.25
C LEU A 137 5.93 -22.36 18.39
N LYS A 138 5.32 -21.82 19.45
CA LYS A 138 6.14 -21.20 20.51
C LYS A 138 7.02 -22.23 21.19
N LYS A 139 6.45 -23.35 21.60
CA LYS A 139 7.21 -24.27 22.45
C LYS A 139 8.04 -25.26 21.65
N LYS A 140 7.53 -25.73 20.51
CA LYS A 140 8.24 -26.73 19.73
C LYS A 140 9.09 -26.17 18.61
N TYR A 141 8.87 -24.91 18.20
CA TYR A 141 9.63 -24.27 17.12
C TYR A 141 10.31 -22.98 17.57
N ASP A 142 10.34 -22.71 18.88
CA ASP A 142 11.08 -21.61 19.49
C ASP A 142 10.71 -20.24 18.91
N VAL A 143 9.44 -20.04 18.69
CA VAL A 143 8.94 -18.74 18.23
C VAL A 143 8.55 -17.91 19.45
N ASP A 144 8.91 -16.61 19.43
CA ASP A 144 8.36 -15.66 20.39
C ASP A 144 7.09 -15.11 19.74
N THR A 145 7.21 -14.11 18.86
CA THR A 145 6.08 -13.71 18.03
C THR A 145 6.55 -13.71 16.57
N LEU A 146 5.58 -13.62 15.67
CA LEU A 146 5.88 -13.63 14.24
C LEU A 146 5.99 -12.19 13.75
N ASP A 147 6.93 -11.95 12.82
CA ASP A 147 6.99 -10.64 12.16
C ASP A 147 5.98 -10.54 11.02
N MET A 148 5.77 -11.65 10.31
CA MET A 148 4.93 -11.65 9.12
C MET A 148 4.37 -13.04 8.89
N VAL A 149 3.13 -13.09 8.41
CA VAL A 149 2.45 -14.32 8.03
C VAL A 149 1.99 -14.17 6.60
N PHE A 150 2.31 -15.14 5.74
CA PHE A 150 1.79 -15.20 4.38
C PHE A 150 0.70 -16.28 4.37
N LEU A 151 -0.56 -15.85 4.17
CA LEU A 151 -1.70 -16.77 4.11
C LEU A 151 -1.98 -17.13 2.66
N ASP A 152 -1.84 -18.42 2.31
CA ASP A 152 -2.04 -18.81 0.93
C ASP A 152 -2.49 -20.26 0.85
N HIS A 153 -3.15 -20.77 1.88
CA HIS A 153 -3.67 -22.13 1.90
C HIS A 153 -5.14 -22.11 1.46
N TRP A 154 -5.92 -23.13 1.83
N TRP A 154 -5.93 -23.13 1.84
CA TRP A 154 -7.33 -23.12 1.43
CA TRP A 154 -7.33 -23.12 1.46
C TRP A 154 -7.99 -21.88 2.03
C TRP A 154 -8.00 -21.88 2.04
N LYS A 155 -8.75 -21.16 1.19
CA LYS A 155 -9.19 -19.82 1.57
C LYS A 155 -10.14 -19.83 2.76
N ASP A 156 -10.93 -20.90 2.95
CA ASP A 156 -11.79 -20.96 4.12
C ASP A 156 -11.02 -21.12 5.44
N ARG A 157 -9.70 -21.31 5.40
CA ARG A 157 -8.92 -21.34 6.63
CA ARG A 157 -8.91 -21.33 6.63
C ARG A 157 -8.30 -19.99 6.98
N TYR A 158 -8.38 -18.98 6.09
CA TYR A 158 -7.72 -17.71 6.39
C TYR A 158 -8.23 -17.10 7.68
N LEU A 159 -9.57 -16.98 7.82
CA LEU A 159 -10.12 -16.35 9.02
C LEU A 159 -9.92 -17.21 10.27
N PRO A 160 -10.27 -18.51 10.29
CA PRO A 160 -10.02 -19.26 11.52
C PRO A 160 -8.56 -19.28 11.92
N ASP A 161 -7.61 -19.34 10.97
CA ASP A 161 -6.21 -19.38 11.39
C ASP A 161 -5.74 -18.02 11.88
N THR A 162 -6.28 -16.94 11.31
CA THR A 162 -5.96 -15.61 11.84
C THR A 162 -6.40 -15.50 13.28
N LEU A 163 -7.62 -15.94 13.59
CA LEU A 163 -8.10 -15.90 14.96
C LEU A 163 -7.25 -16.79 15.86
N LEU A 164 -6.84 -17.97 15.36
CA LEU A 164 -6.00 -18.87 16.13
C LEU A 164 -4.64 -18.26 16.41
N LEU A 165 -4.02 -17.64 15.39
CA LEU A 165 -2.73 -17.00 15.60
C LEU A 165 -2.82 -15.98 16.75
N GLU A 166 -3.90 -15.19 16.76
CA GLU A 166 -4.08 -14.17 17.80
C GLU A 166 -4.25 -14.83 19.17
N GLU A 167 -5.11 -15.84 19.25
CA GLU A 167 -5.36 -16.52 20.51
C GLU A 167 -4.10 -17.17 21.06
N CYS A 168 -3.23 -17.63 20.19
CA CYS A 168 -2.04 -18.34 20.60
C CYS A 168 -0.91 -17.39 20.95
N GLY A 169 -1.14 -16.08 20.88
CA GLY A 169 -0.14 -15.09 21.26
C GLY A 169 0.98 -14.95 20.27
N LEU A 170 0.76 -15.36 19.02
CA LEU A 170 1.80 -15.29 18.00
C LEU A 170 1.86 -13.94 17.28
N LEU A 171 0.88 -13.08 17.45
CA LEU A 171 0.87 -11.78 16.81
C LEU A 171 1.27 -10.74 17.86
N ARG A 172 2.19 -9.88 17.49
CA ARG A 172 2.49 -8.69 18.28
C ARG A 172 2.01 -7.46 17.53
N LYS A 173 1.95 -6.33 18.25
CA LYS A 173 1.72 -5.07 17.58
C LYS A 173 2.77 -4.90 16.48
N GLY A 174 2.31 -4.69 15.23
CA GLY A 174 3.17 -4.58 14.07
C GLY A 174 3.32 -5.86 13.26
N THR A 175 2.85 -7.00 13.74
CA THR A 175 2.91 -8.19 12.88
C THR A 175 2.14 -7.94 11.59
N VAL A 176 2.72 -8.35 10.45
CA VAL A 176 2.13 -8.16 9.12
C VAL A 176 1.44 -9.45 8.69
N LEU A 177 0.15 -9.44 8.42
CA LEU A 177 -0.50 -10.54 7.71
C LEU A 177 -0.61 -10.16 6.24
N LEU A 178 -0.22 -11.04 5.34
CA LEU A 178 -0.35 -10.79 3.91
C LEU A 178 -1.07 -11.98 3.31
N ALA A 179 -2.24 -11.74 2.72
CA ALA A 179 -3.10 -12.82 2.23
C ALA A 179 -3.23 -12.77 0.72
N ASP A 180 -2.92 -13.91 0.06
CA ASP A 180 -3.11 -14.05 -1.38
C ASP A 180 -4.58 -14.32 -1.70
N ASN A 181 -5.01 -13.99 -2.93
CA ASN A 181 -6.28 -14.50 -3.48
C ASN A 181 -7.48 -13.93 -2.76
N VAL A 182 -7.38 -12.72 -2.21
CA VAL A 182 -8.52 -12.23 -1.46
C VAL A 182 -9.68 -11.86 -2.35
N ILE A 183 -9.44 -11.72 -3.66
CA ILE A 183 -10.49 -11.50 -4.66
C ILE A 183 -10.82 -12.78 -5.43
N CYS A 184 -9.79 -13.48 -5.92
CA CYS A 184 -9.99 -14.68 -6.74
C CYS A 184 -8.99 -15.75 -6.30
N PRO A 185 -9.44 -16.92 -5.82
CA PRO A 185 -10.85 -17.31 -5.68
C PRO A 185 -11.66 -16.53 -4.63
N GLY A 186 -11.00 -15.80 -3.75
CA GLY A 186 -11.67 -14.92 -2.82
C GLY A 186 -11.52 -15.39 -1.38
N ALA A 187 -11.42 -14.42 -0.46
CA ALA A 187 -11.45 -14.70 0.97
C ALA A 187 -12.30 -13.65 1.64
N PRO A 188 -13.60 -13.61 1.32
CA PRO A 188 -14.43 -12.51 1.80
C PRO A 188 -14.61 -12.47 3.31
N ASP A 189 -14.72 -13.62 3.96
N ASP A 189 -14.72 -13.62 3.98
CA ASP A 189 -14.91 -13.60 5.41
CA ASP A 189 -14.92 -13.56 5.43
C ASP A 189 -13.66 -13.09 6.11
C ASP A 189 -13.66 -13.12 6.15
N PHE A 190 -12.48 -13.49 5.64
CA PHE A 190 -11.25 -12.94 6.17
C PHE A 190 -11.19 -11.42 5.95
N LEU A 191 -11.51 -10.96 4.73
CA LEU A 191 -11.46 -9.52 4.43
C LEU A 191 -12.42 -8.73 5.32
N ALA A 192 -13.65 -9.22 5.47
CA ALA A 192 -14.64 -8.50 6.24
C ALA A 192 -14.19 -8.39 7.69
N HIS A 193 -13.52 -9.43 8.19
CA HIS A 193 -13.04 -9.42 9.56
C HIS A 193 -11.91 -8.39 9.74
N VAL A 194 -10.82 -8.51 8.98
CA VAL A 194 -9.68 -7.63 9.20
C VAL A 194 -10.03 -6.19 8.87
N ARG A 195 -10.86 -5.96 7.84
CA ARG A 195 -11.22 -4.58 7.49
C ARG A 195 -12.17 -3.96 8.51
N GLY A 196 -12.99 -4.75 9.18
CA GLY A 196 -13.89 -4.19 10.18
C GLY A 196 -13.34 -4.11 11.58
N SER A 197 -12.20 -4.71 11.84
CA SER A 197 -11.70 -4.86 13.20
C SER A 197 -10.67 -3.77 13.52
N SER A 198 -10.84 -3.14 14.68
CA SER A 198 -9.88 -2.15 15.15
C SER A 198 -8.52 -2.76 15.44
N CYS A 199 -8.44 -4.10 15.52
CA CYS A 199 -7.18 -4.79 15.75
C CYS A 199 -6.27 -4.82 14.53
N PHE A 200 -6.74 -4.39 13.35
CA PHE A 200 -5.94 -4.46 12.13
C PHE A 200 -5.98 -3.15 11.37
N GLU A 201 -4.89 -2.84 10.68
CA GLU A 201 -4.87 -1.74 9.72
C GLU A 201 -4.56 -2.34 8.35
N CYS A 202 -5.44 -2.13 7.40
CA CYS A 202 -5.43 -2.86 6.14
C CYS A 202 -5.02 -2.01 4.94
N THR A 203 -4.34 -2.67 4.01
CA THR A 203 -3.99 -2.14 2.71
C THR A 203 -4.34 -3.21 1.68
N HIS A 204 -4.93 -2.80 0.58
CA HIS A 204 -5.30 -3.73 -0.47
C HIS A 204 -4.46 -3.44 -1.71
N TYR A 205 -3.86 -4.47 -2.28
CA TYR A 205 -3.10 -4.35 -3.52
C TYR A 205 -3.87 -5.07 -4.62
N GLN A 206 -4.45 -4.33 -5.55
CA GLN A 206 -5.08 -4.97 -6.70
C GLN A 206 -4.02 -5.48 -7.69
N SER A 207 -4.25 -6.65 -8.25
CA SER A 207 -3.31 -7.28 -9.16
C SER A 207 -4.06 -8.28 -10.02
N PHE A 208 -3.46 -9.43 -10.30
CA PHE A 208 -4.01 -10.41 -11.23
C PHE A 208 -3.77 -11.79 -10.66
N LEU A 209 -4.66 -12.72 -11.00
CA LEU A 209 -4.44 -14.13 -10.70
C LEU A 209 -3.17 -14.59 -11.43
N GLU A 210 -2.37 -15.43 -10.75
CA GLU A 210 -1.10 -15.86 -11.36
C GLU A 210 -1.33 -16.43 -12.74
N TYR A 211 -0.50 -15.99 -13.69
CA TYR A 211 -0.47 -16.53 -15.06
C TYR A 211 -1.74 -16.26 -15.85
N ARG A 212 -2.61 -15.36 -15.38
CA ARG A 212 -3.89 -15.13 -16.05
C ARG A 212 -4.21 -13.64 -16.06
N GLU A 213 -5.01 -13.23 -17.05
CA GLU A 213 -5.48 -11.85 -17.15
C GLU A 213 -6.86 -11.73 -16.51
N VAL A 214 -6.88 -12.09 -15.24
CA VAL A 214 -8.07 -12.05 -14.39
C VAL A 214 -7.70 -11.28 -13.13
N VAL A 215 -8.58 -10.38 -12.66
CA VAL A 215 -8.25 -9.57 -11.49
C VAL A 215 -8.15 -10.41 -10.22
N ASP A 216 -7.13 -10.12 -9.41
CA ASP A 216 -7.04 -10.67 -8.05
C ASP A 216 -6.52 -9.54 -7.16
N GLY A 217 -6.20 -9.86 -5.92
CA GLY A 217 -5.57 -8.89 -5.05
C GLY A 217 -5.02 -9.57 -3.82
N LEU A 218 -4.14 -8.85 -3.13
CA LEU A 218 -3.62 -9.28 -1.83
C LEU A 218 -4.05 -8.25 -0.79
N GLU A 219 -4.31 -8.73 0.42
CA GLU A 219 -4.57 -7.85 1.54
C GLU A 219 -3.41 -7.91 2.52
N LYS A 220 -2.92 -6.74 2.93
CA LYS A 220 -1.98 -6.63 4.03
C LYS A 220 -2.75 -6.12 5.24
N ALA A 221 -2.67 -6.82 6.35
CA ALA A 221 -3.35 -6.43 7.58
C ALA A 221 -2.31 -6.38 8.69
N ILE A 222 -2.05 -5.19 9.21
N ILE A 222 -2.07 -5.21 9.24
CA ILE A 222 -1.09 -5.01 10.30
CA ILE A 222 -1.07 -5.03 10.30
C ILE A 222 -1.83 -5.15 11.63
C ILE A 222 -1.75 -5.08 11.65
N TYR A 223 -1.35 -6.03 12.49
CA TYR A 223 -1.97 -6.19 13.79
C TYR A 223 -1.61 -5.01 14.69
N LYS A 224 -2.62 -4.48 15.38
CA LYS A 224 -2.45 -3.30 16.21
C LYS A 224 -2.35 -3.63 17.69
N GLY A 225 -2.44 -4.92 18.06
CA GLY A 225 -2.56 -5.30 19.45
C GLY A 225 -4.00 -5.65 19.76
N PRO A 226 -4.23 -6.35 20.87
CA PRO A 226 -5.58 -6.81 21.28
C PRO A 226 -6.50 -5.66 21.65
N ASN B 8 2.89 39.57 21.90
CA ASN B 8 1.81 40.37 21.34
C ASN B 8 0.44 39.83 21.75
N LEU B 9 -0.55 40.72 21.82
CA LEU B 9 -1.90 40.32 22.18
C LEU B 9 -2.46 39.38 21.12
N TYR B 10 -3.28 38.43 21.55
CA TYR B 10 -3.78 37.40 20.65
C TYR B 10 -4.87 37.93 19.73
N PHE B 11 -4.72 37.66 18.43
CA PHE B 11 -5.73 37.98 17.42
C PHE B 11 -6.41 36.70 16.96
N GLN B 12 -7.74 36.66 17.00
CA GLN B 12 -8.49 35.43 16.69
C GLN B 12 -9.06 35.41 15.26
N GLY B 13 -9.66 36.51 14.82
CA GLY B 13 -10.31 36.52 13.52
C GLY B 13 -11.74 36.02 13.59
N ASP B 14 -12.36 35.89 12.41
CA ASP B 14 -13.81 35.93 12.30
C ASP B 14 -14.44 34.67 11.74
N THR B 15 -13.65 33.71 11.27
CA THR B 15 -14.18 32.47 10.71
C THR B 15 -13.32 31.31 11.19
N LYS B 16 -13.83 30.08 11.02
CA LYS B 16 -13.05 28.92 11.43
C LYS B 16 -11.70 28.88 10.72
N GLU B 17 -11.67 29.16 9.42
CA GLU B 17 -10.42 29.08 8.67
C GLU B 17 -9.44 30.15 9.16
N GLN B 18 -9.94 31.35 9.45
CA GLN B 18 -9.08 32.37 10.02
C GLN B 18 -8.56 31.94 11.38
N ARG B 19 -9.43 31.34 12.21
CA ARG B 19 -9.01 30.96 13.55
C ARG B 19 -7.91 29.90 13.51
N ILE B 20 -7.98 28.97 12.55
CA ILE B 20 -6.92 27.97 12.38
C ILE B 20 -5.61 28.65 12.00
N LEU B 21 -5.64 29.51 10.97
CA LEU B 21 -4.43 30.20 10.57
C LEU B 21 -3.87 31.03 11.72
N ASN B 22 -4.74 31.76 12.42
CA ASN B 22 -4.22 32.64 13.46
C ASN B 22 -3.65 31.84 14.63
N HIS B 23 -4.21 30.67 14.91
CA HIS B 23 -3.60 29.80 15.91
C HIS B 23 -2.18 29.40 15.49
N VAL B 24 -2.00 28.98 14.23
CA VAL B 24 -0.66 28.62 13.76
C VAL B 24 0.29 29.80 13.86
N LEU B 25 -0.13 30.97 13.35
CA LEU B 25 0.78 32.10 13.30
C LEU B 25 1.25 32.52 14.68
N GLN B 26 0.42 32.30 15.70
CA GLN B 26 0.75 32.73 17.05
C GLN B 26 1.26 31.61 17.96
N HIS B 27 1.31 30.36 17.49
CA HIS B 27 1.81 29.27 18.32
C HIS B 27 2.93 28.44 17.71
N ALA B 28 2.91 28.27 16.38
CA ALA B 28 3.94 27.44 15.74
C ALA B 28 5.25 28.20 15.55
N GLU B 29 6.32 27.44 15.35
N GLU B 29 6.32 27.44 15.35
CA GLU B 29 7.63 28.05 15.13
CA GLU B 29 7.64 28.04 15.12
C GLU B 29 7.76 28.50 13.69
C GLU B 29 7.73 28.51 13.67
N PRO B 30 8.06 29.78 13.43
CA PRO B 30 8.14 30.25 12.04
C PRO B 30 9.17 29.49 11.22
N GLY B 31 8.79 29.16 9.98
CA GLY B 31 9.66 28.45 9.08
C GLY B 31 9.79 26.97 9.34
N ASN B 32 9.04 26.42 10.29
CA ASN B 32 9.14 25.02 10.68
C ASN B 32 7.87 24.32 10.24
N ALA B 33 7.96 23.58 9.13
CA ALA B 33 6.78 22.95 8.56
C ALA B 33 6.15 21.96 9.53
N GLN B 34 6.97 21.16 10.21
CA GLN B 34 6.37 20.18 11.11
C GLN B 34 5.64 20.84 12.26
N SER B 35 6.17 21.96 12.75
CA SER B 35 5.51 22.69 13.82
C SER B 35 4.16 23.23 13.35
N VAL B 36 4.11 23.71 12.10
CA VAL B 36 2.86 24.19 11.53
C VAL B 36 1.83 23.07 11.46
N LEU B 37 2.24 21.90 10.96
CA LEU B 37 1.31 20.77 10.88
C LEU B 37 0.82 20.37 12.26
N GLU B 38 1.73 20.31 13.25
N GLU B 38 1.73 20.30 13.24
CA GLU B 38 1.31 19.92 14.58
CA GLU B 38 1.35 19.92 14.60
C GLU B 38 0.35 20.92 15.19
C GLU B 38 0.35 20.92 15.17
N ALA B 39 0.57 22.22 14.94
CA ALA B 39 -0.34 23.22 15.48
C ALA B 39 -1.72 23.10 14.84
N ILE B 40 -1.78 22.85 13.52
CA ILE B 40 -3.08 22.69 12.89
C ILE B 40 -3.78 21.47 13.46
N ASP B 41 -3.07 20.35 13.53
CA ASP B 41 -3.70 19.13 14.01
C ASP B 41 -4.15 19.26 15.46
N THR B 42 -3.33 19.89 16.31
CA THR B 42 -3.71 20.10 17.71
C THR B 42 -4.97 20.94 17.80
N TYR B 43 -5.01 22.08 17.10
CA TYR B 43 -6.17 22.94 17.13
C TYR B 43 -7.43 22.22 16.63
N CYS B 44 -7.30 21.44 15.55
CA CYS B 44 -8.48 20.81 14.97
C CYS B 44 -8.91 19.57 15.75
N GLU B 45 -7.97 18.94 16.45
CA GLU B 45 -8.30 17.83 17.35
C GLU B 45 -9.01 18.34 18.59
N GLN B 46 -8.58 19.47 19.13
CA GLN B 46 -9.00 19.90 20.46
C GLN B 46 -10.07 20.97 20.46
N LYS B 47 -10.17 21.78 19.41
CA LYS B 47 -11.06 22.93 19.42
C LYS B 47 -12.10 22.90 18.31
N GLU B 48 -11.69 22.75 17.04
CA GLU B 48 -12.65 22.81 15.93
C GLU B 48 -12.25 21.84 14.83
N TRP B 49 -13.11 20.84 14.59
CA TRP B 49 -12.89 19.94 13.45
C TRP B 49 -12.78 20.71 12.15
N ALA B 50 -11.92 20.25 11.24
CA ALA B 50 -11.79 20.87 9.93
C ALA B 50 -11.30 19.81 8.96
N MET B 51 -11.59 20.02 7.67
N MET B 51 -11.57 20.05 7.66
CA MET B 51 -11.39 18.98 6.65
CA MET B 51 -11.41 19.02 6.62
C MET B 51 -9.97 18.90 6.10
C MET B 51 -9.98 18.92 6.09
N ASN B 52 -8.96 19.03 6.96
CA ASN B 52 -7.56 18.78 6.57
C ASN B 52 -7.35 17.27 6.51
N VAL B 53 -6.43 16.82 5.64
CA VAL B 53 -6.17 15.37 5.59
C VAL B 53 -5.70 14.85 6.94
N GLY B 54 -5.03 15.68 7.74
CA GLY B 54 -4.71 15.34 9.12
C GLY B 54 -3.46 14.47 9.25
N ASP B 55 -3.08 14.20 10.51
CA ASP B 55 -1.79 13.56 10.75
CA ASP B 55 -1.80 13.55 10.79
C ASP B 55 -1.79 12.07 10.40
N LYS B 56 -2.88 11.35 10.72
N LYS B 56 -2.88 11.35 10.70
CA LYS B 56 -2.89 9.90 10.50
CA LYS B 56 -2.88 9.90 10.48
C LYS B 56 -2.85 9.59 9.01
C LYS B 56 -2.86 9.57 9.01
N LYS B 57 -3.82 10.13 8.25
CA LYS B 57 -3.78 9.96 6.80
C LYS B 57 -2.59 10.69 6.21
N GLY B 58 -2.14 11.78 6.83
CA GLY B 58 -0.96 12.45 6.34
C GLY B 58 0.27 11.58 6.32
N LYS B 59 0.38 10.63 7.26
CA LYS B 59 1.49 9.69 7.23
C LYS B 59 1.45 8.82 5.98
N ILE B 60 0.25 8.50 5.49
CA ILE B 60 0.13 7.74 4.26
C ILE B 60 0.53 8.60 3.07
N VAL B 61 0.09 9.85 3.05
CA VAL B 61 0.51 10.79 2.00
C VAL B 61 2.03 10.88 1.98
N ASP B 62 2.64 11.06 3.17
CA ASP B 62 4.09 11.17 3.27
C ASP B 62 4.76 9.97 2.60
N ALA B 63 4.29 8.76 2.92
CA ALA B 63 4.92 7.56 2.38
C ALA B 63 4.81 7.49 0.86
N VAL B 64 3.67 7.93 0.31
CA VAL B 64 3.52 7.91 -1.13
C VAL B 64 4.50 8.90 -1.76
N ILE B 65 4.62 10.10 -1.17
N ILE B 65 4.65 10.09 -1.18
CA ILE B 65 5.57 11.10 -1.65
CA ILE B 65 5.61 11.03 -1.75
C ILE B 65 7.00 10.58 -1.58
C ILE B 65 7.02 10.49 -1.63
N GLN B 66 7.36 9.93 -0.47
CA GLN B 66 8.73 9.46 -0.30
C GLN B 66 9.05 8.36 -1.29
N GLU B 67 8.06 7.51 -1.61
CA GLU B 67 8.33 6.42 -2.55
C GLU B 67 8.47 6.94 -3.97
N HIS B 68 7.57 7.84 -4.39
CA HIS B 68 7.50 8.24 -5.78
C HIS B 68 8.29 9.49 -6.10
N GLN B 69 8.64 10.28 -5.09
CA GLN B 69 9.41 11.52 -5.20
C GLN B 69 9.02 12.35 -6.44
N PRO B 70 7.78 12.81 -6.52
CA PRO B 70 7.35 13.58 -7.67
C PRO B 70 8.04 14.92 -7.77
N SER B 71 8.42 15.29 -9.00
N SER B 71 8.38 15.31 -9.00
CA SER B 71 8.92 16.63 -9.26
CA SER B 71 8.95 16.63 -9.26
C SER B 71 7.78 17.61 -9.46
C SER B 71 7.90 17.65 -9.69
N VAL B 72 6.74 17.20 -10.15
CA VAL B 72 5.60 18.07 -10.48
C VAL B 72 4.37 17.44 -9.88
N LEU B 73 3.79 18.09 -8.90
CA LEU B 73 2.72 17.56 -8.08
C LEU B 73 1.55 18.54 -8.18
N LEU B 74 0.36 18.02 -8.48
CA LEU B 74 -0.85 18.82 -8.54
C LEU B 74 -1.76 18.47 -7.36
N GLU B 75 -2.22 19.47 -6.63
CA GLU B 75 -3.17 19.27 -5.54
C GLU B 75 -4.49 19.93 -5.93
N LEU B 76 -5.57 19.20 -5.78
CA LEU B 76 -6.91 19.71 -6.02
C LEU B 76 -7.58 19.91 -4.68
N GLY B 77 -7.75 21.17 -4.28
CA GLY B 77 -8.32 21.54 -3.01
C GLY B 77 -7.28 21.85 -1.97
N ALA B 78 -7.09 23.14 -1.64
CA ALA B 78 -6.03 23.55 -0.71
C ALA B 78 -6.53 23.81 0.70
N TYR B 79 -7.73 24.36 0.81
CA TYR B 79 -8.37 24.73 2.08
C TYR B 79 -7.49 25.70 2.86
N CYS B 80 -6.88 25.27 3.97
CA CYS B 80 -6.05 26.18 4.76
C CYS B 80 -4.57 25.91 4.56
N GLY B 81 -4.21 25.00 3.65
CA GLY B 81 -2.82 24.79 3.32
C GLY B 81 -2.15 23.64 4.04
N TYR B 82 -2.90 22.88 4.85
CA TYR B 82 -2.30 21.78 5.59
C TYR B 82 -1.62 20.76 4.65
N SER B 83 -2.36 20.25 3.65
CA SER B 83 -1.75 19.22 2.81
C SER B 83 -0.66 19.79 1.93
N ALA B 84 -0.78 21.06 1.52
CA ALA B 84 0.29 21.67 0.73
C ALA B 84 1.57 21.75 1.53
N VAL B 85 1.48 22.17 2.80
CA VAL B 85 2.66 22.17 3.66
C VAL B 85 3.19 20.76 3.86
N ARG B 86 2.28 19.82 4.14
CA ARG B 86 2.68 18.43 4.41
C ARG B 86 3.44 17.83 3.24
N MET B 87 2.96 18.05 2.02
CA MET B 87 3.62 17.49 0.86
C MET B 87 4.89 18.26 0.48
N ALA B 88 4.81 19.60 0.50
CA ALA B 88 5.95 20.39 0.04
C ALA B 88 7.18 20.16 0.91
N ARG B 89 6.99 19.91 2.21
CA ARG B 89 8.16 19.74 3.07
C ARG B 89 8.99 18.52 2.68
N LEU B 90 8.39 17.57 1.95
CA LEU B 90 9.07 16.34 1.55
C LEU B 90 9.60 16.35 0.12
N LEU B 91 9.36 17.43 -0.62
CA LEU B 91 9.80 17.51 -2.00
C LEU B 91 11.26 17.97 -2.09
N SER B 92 11.93 17.58 -3.17
CA SER B 92 13.30 17.94 -3.40
C SER B 92 13.42 19.36 -3.92
N PRO B 93 14.61 19.98 -3.76
CA PRO B 93 14.86 21.28 -4.37
C PRO B 93 14.49 21.29 -5.85
N GLY B 94 13.79 22.34 -6.27
CA GLY B 94 13.34 22.46 -7.63
C GLY B 94 11.97 21.89 -7.92
N ALA B 95 11.37 21.18 -6.97
CA ALA B 95 10.06 20.61 -7.21
C ALA B 95 9.02 21.72 -7.34
N ARG B 96 7.91 21.36 -7.95
CA ARG B 96 6.82 22.29 -8.22
C ARG B 96 5.52 21.66 -7.74
N LEU B 97 4.93 22.24 -6.69
CA LEU B 97 3.61 21.83 -6.23
CA LEU B 97 3.61 21.84 -6.21
C LEU B 97 2.62 22.91 -6.66
N ILE B 98 1.74 22.56 -7.59
CA ILE B 98 0.68 23.46 -8.03
C ILE B 98 -0.56 23.08 -7.25
N THR B 99 -1.16 24.03 -6.53
CA THR B 99 -2.37 23.74 -5.77
C THR B 99 -3.52 24.62 -6.25
N ILE B 100 -4.68 24.01 -6.54
CA ILE B 100 -5.85 24.68 -7.09
C ILE B 100 -6.91 24.78 -6.01
N GLU B 101 -7.40 26.01 -5.79
CA GLU B 101 -8.40 26.26 -4.75
C GLU B 101 -9.48 27.19 -5.27
N ILE B 102 -10.74 26.78 -5.16
CA ILE B 102 -11.83 27.53 -5.77
C ILE B 102 -12.26 28.70 -4.90
N ASN B 103 -12.05 28.62 -3.60
CA ASN B 103 -12.58 29.63 -2.68
C ASN B 103 -11.49 30.66 -2.41
N PRO B 104 -11.68 31.93 -2.81
CA PRO B 104 -10.61 32.91 -2.65
C PRO B 104 -10.21 33.16 -1.20
N ASP B 105 -11.14 33.00 -0.25
CA ASP B 105 -10.75 33.14 1.16
C ASP B 105 -9.80 32.03 1.58
N CYS B 106 -10.10 30.79 1.19
CA CYS B 106 -9.21 29.68 1.47
C CYS B 106 -7.88 29.86 0.75
N ALA B 107 -7.91 30.33 -0.50
CA ALA B 107 -6.66 30.52 -1.22
C ALA B 107 -5.76 31.51 -0.51
N ALA B 108 -6.32 32.62 -0.03
CA ALA B 108 -5.50 33.60 0.68
C ALA B 108 -4.92 33.02 1.97
N ILE B 109 -5.73 32.25 2.71
CA ILE B 109 -5.22 31.66 3.93
C ILE B 109 -4.14 30.64 3.64
N THR B 110 -4.34 29.80 2.62
CA THR B 110 -3.34 28.84 2.19
C THR B 110 -2.00 29.51 1.91
N GLN B 111 -2.03 30.65 1.20
CA GLN B 111 -0.77 31.31 0.89
C GLN B 111 -0.08 31.78 2.17
N ARG B 112 -0.85 32.30 3.12
CA ARG B 112 -0.24 32.76 4.38
C ARG B 112 0.35 31.58 5.16
N MET B 113 -0.33 30.44 5.13
CA MET B 113 0.13 29.26 5.85
C MET B 113 1.41 28.72 5.23
N VAL B 114 1.42 28.61 3.90
CA VAL B 114 2.60 28.17 3.17
C VAL B 114 3.79 29.10 3.40
N ASP B 115 3.55 30.41 3.38
CA ASP B 115 4.62 31.36 3.63
C ASP B 115 5.22 31.15 5.02
N PHE B 116 4.35 31.07 6.03
CA PHE B 116 4.82 30.93 7.41
C PHE B 116 5.58 29.62 7.61
N ALA B 117 5.15 28.56 6.92
CA ALA B 117 5.76 27.25 7.10
C ALA B 117 7.12 27.12 6.43
N GLY B 118 7.53 28.09 5.60
CA GLY B 118 8.84 28.02 4.99
C GLY B 118 8.90 27.30 3.66
N VAL B 119 7.77 27.00 3.04
CA VAL B 119 7.72 26.19 1.81
C VAL B 119 7.24 26.99 0.61
N LYS B 120 7.21 28.32 0.71
CA LYS B 120 6.65 29.11 -0.39
C LYS B 120 7.35 28.83 -1.71
N ASP B 121 8.65 28.51 -1.71
CA ASP B 121 9.39 28.35 -2.96
C ASP B 121 8.98 27.11 -3.73
N LYS B 122 8.26 26.18 -3.11
N LYS B 122 8.25 26.19 -3.11
CA LYS B 122 7.81 24.99 -3.80
CA LYS B 122 7.81 24.99 -3.78
C LYS B 122 6.40 25.10 -4.34
C LYS B 122 6.36 25.03 -4.23
N VAL B 123 5.62 26.07 -3.86
CA VAL B 123 4.17 26.10 -4.04
C VAL B 123 3.78 27.18 -5.05
N THR B 124 2.91 26.81 -6.00
CA THR B 124 2.26 27.75 -6.90
C THR B 124 0.77 27.60 -6.67
N LEU B 125 0.17 28.57 -5.98
CA LEU B 125 -1.26 28.55 -5.69
C LEU B 125 -2.02 29.16 -6.86
N VAL B 126 -3.06 28.47 -7.33
CA VAL B 126 -3.93 28.97 -8.37
C VAL B 126 -5.35 29.04 -7.84
N VAL B 127 -5.97 30.22 -7.95
CA VAL B 127 -7.36 30.42 -7.53
C VAL B 127 -8.29 30.11 -8.69
N GLY B 128 -9.19 29.16 -8.50
CA GLY B 128 -10.17 28.83 -9.51
C GLY B 128 -10.68 27.42 -9.30
N ALA B 129 -11.66 27.05 -10.11
CA ALA B 129 -12.20 25.71 -10.10
C ALA B 129 -11.29 24.76 -10.88
N SER B 130 -11.06 23.58 -10.30
CA SER B 130 -10.21 22.58 -10.95
C SER B 130 -10.64 22.33 -12.41
N GLN B 131 -11.95 22.27 -12.67
CA GLN B 131 -12.40 21.95 -14.02
C GLN B 131 -12.07 23.05 -15.02
N ASP B 132 -11.86 24.27 -14.53
CA ASP B 132 -11.44 25.38 -15.38
C ASP B 132 -9.92 25.51 -15.47
N ILE B 133 -9.21 25.16 -14.39
CA ILE B 133 -7.76 25.35 -14.35
C ILE B 133 -7.04 24.18 -15.03
N ILE B 134 -7.54 22.95 -14.84
CA ILE B 134 -6.87 21.80 -15.44
C ILE B 134 -6.65 21.98 -16.94
N PRO B 135 -7.62 22.44 -17.74
CA PRO B 135 -7.35 22.66 -19.16
C PRO B 135 -6.39 23.79 -19.48
N GLN B 136 -5.98 24.60 -18.48
CA GLN B 136 -4.99 25.66 -18.64
C GLN B 136 -3.59 25.22 -18.26
N LEU B 137 -3.41 24.03 -17.69
CA LEU B 137 -2.13 23.73 -17.06
C LEU B 137 -1.00 23.72 -18.10
N LYS B 138 -1.27 23.19 -19.30
CA LYS B 138 -0.23 23.22 -20.34
C LYS B 138 0.03 24.64 -20.85
N LYS B 139 -1.01 25.36 -21.26
N LYS B 139 -0.98 25.31 -21.36
CA LYS B 139 -0.82 26.62 -21.99
CA LYS B 139 -0.72 26.61 -21.96
C LYS B 139 -0.56 27.82 -21.08
C LYS B 139 -0.26 27.61 -20.91
N LYS B 140 -1.06 27.81 -19.87
CA LYS B 140 -0.81 28.92 -18.95
C LYS B 140 0.33 28.61 -17.98
N TYR B 141 0.42 27.36 -17.49
CA TYR B 141 1.41 27.00 -16.48
C TYR B 141 2.58 26.22 -17.04
N ASP B 142 2.58 25.96 -18.35
CA ASP B 142 3.70 25.29 -19.02
C ASP B 142 3.98 23.92 -18.40
N VAL B 143 2.94 23.24 -17.91
CA VAL B 143 3.12 21.86 -17.47
C VAL B 143 3.25 20.98 -18.70
N ASP B 144 4.14 20.00 -18.64
CA ASP B 144 4.17 18.95 -19.66
C ASP B 144 3.28 17.80 -19.17
N THR B 145 3.79 16.97 -18.27
CA THR B 145 2.96 16.01 -17.59
C THR B 145 3.19 16.09 -16.09
N LEU B 146 2.24 15.53 -15.35
CA LEU B 146 2.26 15.53 -13.89
C LEU B 146 2.87 14.24 -13.37
N ASP B 147 3.65 14.35 -12.30
CA ASP B 147 4.15 13.13 -11.67
C ASP B 147 3.18 12.57 -10.65
N MET B 148 2.39 13.43 -10.01
CA MET B 148 1.48 12.99 -8.97
C MET B 148 0.36 14.02 -8.85
N VAL B 149 -0.81 13.54 -8.50
CA VAL B 149 -1.98 14.37 -8.23
C VAL B 149 -2.55 13.93 -6.89
N PHE B 150 -2.80 14.88 -6.00
CA PHE B 150 -3.55 14.65 -4.76
C PHE B 150 -4.95 15.20 -4.94
N LEU B 151 -5.94 14.31 -4.96
CA LEU B 151 -7.34 14.70 -5.11
C LEU B 151 -7.98 14.82 -3.73
N ASP B 152 -8.43 16.02 -3.36
CA ASP B 152 -9.02 16.22 -2.04
C ASP B 152 -10.03 17.36 -2.03
N HIS B 153 -10.70 17.60 -3.16
N HIS B 153 -10.66 17.63 -3.17
CA HIS B 153 -11.71 18.65 -3.29
CA HIS B 153 -11.70 18.64 -3.30
C HIS B 153 -13.10 18.03 -3.22
C HIS B 153 -13.07 17.97 -3.21
N TRP B 154 -14.15 18.66 -3.77
N TRP B 154 -14.10 18.62 -3.75
CA TRP B 154 -15.46 18.05 -3.62
CA TRP B 154 -15.45 18.04 -3.65
C TRP B 154 -15.45 16.68 -4.29
C TRP B 154 -15.48 16.67 -4.31
N LYS B 155 -16.01 15.68 -3.59
CA LYS B 155 -15.82 14.29 -4.02
C LYS B 155 -16.50 14.01 -5.33
N ASP B 156 -17.58 14.75 -5.67
CA ASP B 156 -18.22 14.57 -6.96
C ASP B 156 -17.36 15.07 -8.12
N ARG B 157 -16.22 15.72 -7.84
CA ARG B 157 -15.29 16.12 -8.90
C ARG B 157 -14.18 15.10 -9.17
N TYR B 158 -14.04 14.07 -8.34
CA TYR B 158 -12.88 13.19 -8.49
C TYR B 158 -12.90 12.50 -9.86
N LEU B 159 -14.04 11.88 -10.22
CA LEU B 159 -14.11 11.20 -11.52
C LEU B 159 -14.03 12.17 -12.70
N PRO B 160 -14.87 13.19 -12.80
CA PRO B 160 -14.75 14.05 -13.98
C PRO B 160 -13.41 14.74 -14.08
N ASP B 161 -12.77 15.07 -12.95
CA ASP B 161 -11.46 15.70 -13.08
C ASP B 161 -10.38 14.70 -13.47
N THR B 162 -10.48 13.45 -13.02
CA THR B 162 -9.57 12.42 -13.51
C THR B 162 -9.72 12.23 -15.03
N LEU B 163 -10.97 12.18 -15.52
CA LEU B 163 -11.19 12.07 -16.96
C LEU B 163 -10.61 13.27 -17.69
N LEU B 164 -10.77 14.45 -17.09
CA LEU B 164 -10.23 15.66 -17.69
C LEU B 164 -8.70 15.64 -17.73
N LEU B 165 -8.06 15.16 -16.66
CA LEU B 165 -6.61 15.05 -16.65
C LEU B 165 -6.14 14.14 -17.76
N GLU B 166 -6.83 13.02 -17.96
N GLU B 166 -6.82 12.99 -17.93
CA GLU B 166 -6.45 12.12 -19.04
CA GLU B 166 -6.51 12.09 -19.04
C GLU B 166 -6.72 12.73 -20.41
C GLU B 166 -6.70 12.79 -20.36
N GLU B 167 -7.89 13.38 -20.58
CA GLU B 167 -8.21 13.99 -21.86
C GLU B 167 -7.23 15.10 -22.23
N CYS B 168 -6.76 15.85 -21.22
CA CYS B 168 -5.84 16.97 -21.46
C CYS B 168 -4.40 16.51 -21.65
N GLY B 169 -4.12 15.21 -21.59
CA GLY B 169 -2.78 14.73 -21.81
C GLY B 169 -1.82 15.01 -20.68
N LEU B 170 -2.33 15.14 -19.46
CA LEU B 170 -1.50 15.51 -18.31
C LEU B 170 -0.94 14.30 -17.57
N LEU B 171 -1.41 13.09 -17.85
CA LEU B 171 -0.91 11.89 -17.20
C LEU B 171 0.10 11.20 -18.11
N ARG B 172 1.14 10.64 -17.50
CA ARG B 172 2.09 9.79 -18.21
C ARG B 172 2.10 8.44 -17.51
N LYS B 173 2.73 7.45 -18.15
CA LYS B 173 2.96 6.16 -17.52
C LYS B 173 3.72 6.35 -16.20
N GLY B 174 3.09 5.95 -15.09
CA GLY B 174 3.69 6.10 -13.78
C GLY B 174 3.18 7.29 -12.98
N THR B 175 2.35 8.17 -13.56
CA THR B 175 1.75 9.24 -12.77
C THR B 175 0.90 8.64 -11.66
N VAL B 176 1.07 9.17 -10.45
CA VAL B 176 0.37 8.67 -9.28
C VAL B 176 -0.82 9.57 -9.00
N LEU B 177 -2.02 9.01 -8.95
CA LEU B 177 -3.17 9.68 -8.37
C LEU B 177 -3.35 9.19 -6.95
N LEU B 178 -3.48 10.10 -6.00
CA LEU B 178 -3.75 9.73 -4.63
C LEU B 178 -4.98 10.52 -4.19
N ALA B 179 -6.05 9.82 -3.81
CA ALA B 179 -7.33 10.44 -3.51
C ALA B 179 -7.70 10.23 -2.05
N ASP B 180 -7.99 11.32 -1.33
CA ASP B 180 -8.46 11.22 0.03
C ASP B 180 -9.96 10.91 0.05
N ASN B 181 -10.44 10.40 1.18
CA ASN B 181 -11.88 10.30 1.42
C ASN B 181 -12.60 9.39 0.45
N VAL B 182 -11.94 8.35 -0.09
CA VAL B 182 -12.66 7.48 -1.02
C VAL B 182 -13.72 6.65 -0.31
N ILE B 183 -13.65 6.55 1.01
CA ILE B 183 -14.65 5.85 1.81
C ILE B 183 -15.58 6.82 2.53
N CYS B 184 -15.04 7.90 3.13
CA CYS B 184 -15.90 8.84 3.85
C CYS B 184 -15.37 10.25 3.60
N PRO B 185 -16.15 11.16 2.98
CA PRO B 185 -17.55 10.92 2.57
C PRO B 185 -17.75 9.91 1.44
N GLY B 186 -16.70 9.52 0.73
CA GLY B 186 -16.83 8.51 -0.30
C GLY B 186 -16.68 9.08 -1.69
N ALA B 187 -16.05 8.32 -2.57
CA ALA B 187 -15.96 8.65 -3.99
C ALA B 187 -16.17 7.37 -4.80
N PRO B 188 -17.36 6.76 -4.70
CA PRO B 188 -17.54 5.42 -5.31
C PRO B 188 -17.41 5.39 -6.83
N ASP B 189 -17.84 6.44 -7.53
CA ASP B 189 -17.70 6.44 -8.98
C ASP B 189 -16.23 6.54 -9.42
N PHE B 190 -15.44 7.34 -8.71
CA PHE B 190 -13.99 7.38 -8.95
C PHE B 190 -13.36 6.01 -8.73
N LEU B 191 -13.66 5.37 -7.61
CA LEU B 191 -13.07 4.06 -7.33
C LEU B 191 -13.40 3.05 -8.43
N ALA B 192 -14.67 3.04 -8.87
CA ALA B 192 -15.07 2.08 -9.88
C ALA B 192 -14.28 2.28 -11.18
N HIS B 193 -14.02 3.56 -11.53
CA HIS B 193 -13.30 3.86 -12.76
C HIS B 193 -11.85 3.37 -12.68
N VAL B 194 -11.12 3.78 -11.64
CA VAL B 194 -9.71 3.41 -11.57
C VAL B 194 -9.53 1.91 -11.32
N ARG B 195 -10.35 1.32 -10.45
CA ARG B 195 -10.20 -0.11 -10.18
C ARG B 195 -10.66 -0.96 -11.33
N GLY B 196 -11.60 -0.49 -12.13
CA GLY B 196 -12.09 -1.24 -13.27
C GLY B 196 -11.29 -1.05 -14.52
N SER B 197 -10.34 -0.11 -14.53
CA SER B 197 -9.64 0.26 -15.76
C SER B 197 -8.26 -0.38 -15.82
N SER B 198 -7.97 -1.05 -16.95
CA SER B 198 -6.62 -1.59 -17.13
C SER B 198 -5.57 -0.49 -17.29
N CYS B 199 -5.98 0.77 -17.34
CA CYS B 199 -5.05 1.89 -17.39
C CYS B 199 -4.50 2.29 -16.02
N PHE B 200 -4.96 1.66 -14.93
CA PHE B 200 -4.49 2.02 -13.60
C PHE B 200 -4.13 0.80 -12.80
N GLU B 201 -3.19 0.98 -11.88
N GLU B 201 -3.16 0.98 -11.90
CA GLU B 201 -2.78 -0.03 -10.91
CA GLU B 201 -2.77 -0.02 -10.91
C GLU B 201 -3.08 0.53 -9.52
C GLU B 201 -3.14 0.57 -9.55
N CYS B 202 -4.00 -0.11 -8.81
CA CYS B 202 -4.61 0.48 -7.62
C CYS B 202 -4.18 -0.18 -6.30
N THR B 203 -3.99 0.66 -5.30
CA THR B 203 -3.72 0.26 -3.93
C THR B 203 -4.67 1.06 -3.04
N HIS B 204 -5.28 0.40 -2.08
CA HIS B 204 -6.17 1.07 -1.14
C HIS B 204 -5.54 1.07 0.24
N TYR B 205 -5.53 2.22 0.90
CA TYR B 205 -5.04 2.35 2.27
C TYR B 205 -6.22 2.64 3.18
N GLN B 206 -6.60 1.71 4.01
CA GLN B 206 -7.66 1.99 4.97
C GLN B 206 -7.11 2.79 6.14
N SER B 207 -7.90 3.74 6.63
CA SER B 207 -7.47 4.59 7.74
C SER B 207 -8.71 5.13 8.42
N PHE B 208 -8.69 6.40 8.87
CA PHE B 208 -9.81 6.97 9.59
C PHE B 208 -10.03 8.39 9.09
N LEU B 209 -11.26 8.85 9.23
CA LEU B 209 -11.56 10.26 8.94
C LEU B 209 -10.73 11.12 9.88
N GLU B 210 -10.21 12.25 9.37
CA GLU B 210 -9.35 13.11 10.17
C GLU B 210 -10.02 13.49 11.48
N TYR B 211 -9.25 13.42 12.57
CA TYR B 211 -9.69 13.86 13.90
C TYR B 211 -10.86 13.04 14.42
N ARG B 212 -11.17 11.90 13.81
CA ARG B 212 -12.34 11.11 14.17
C ARG B 212 -11.99 9.63 14.10
N GLU B 213 -12.95 8.79 14.46
CA GLU B 213 -12.69 7.37 14.55
C GLU B 213 -13.56 6.54 13.63
N VAL B 214 -14.27 7.16 12.71
CA VAL B 214 -14.98 6.42 11.66
C VAL B 214 -14.01 6.10 10.53
N VAL B 215 -14.25 4.96 9.87
N VAL B 215 -14.25 4.97 9.86
CA VAL B 215 -13.33 4.46 8.85
CA VAL B 215 -13.31 4.47 8.87
C VAL B 215 -13.31 5.40 7.66
C VAL B 215 -13.31 5.38 7.64
N ASP B 216 -12.11 5.59 7.09
CA ASP B 216 -11.94 6.27 5.80
C ASP B 216 -10.85 5.51 5.07
N GLY B 217 -10.44 6.00 3.91
CA GLY B 217 -9.32 5.41 3.22
C GLY B 217 -8.91 6.28 2.06
N LEU B 218 -7.69 6.04 1.59
CA LEU B 218 -7.15 6.71 0.42
C LEU B 218 -6.91 5.67 -0.67
N GLU B 219 -7.07 6.09 -1.92
CA GLU B 219 -6.75 5.25 -3.06
C GLU B 219 -5.55 5.80 -3.78
N LYS B 220 -4.58 4.93 -4.07
CA LYS B 220 -3.47 5.28 -4.94
C LYS B 220 -3.70 4.57 -6.25
N ALA B 221 -3.78 5.32 -7.34
CA ALA B 221 -4.01 4.71 -8.64
C ALA B 221 -2.90 5.20 -9.54
N ILE B 222 -2.03 4.28 -9.97
CA ILE B 222 -0.91 4.61 -10.84
C ILE B 222 -1.33 4.43 -12.28
N TYR B 223 -1.22 5.50 -13.07
CA TYR B 223 -1.60 5.41 -14.48
C TYR B 223 -0.56 4.59 -15.27
N LYS B 224 -1.03 3.61 -16.04
CA LYS B 224 -0.16 2.81 -16.89
C LYS B 224 -0.42 3.00 -18.37
N GLY B 225 -1.44 3.77 -18.74
CA GLY B 225 -1.80 3.93 -20.15
C GLY B 225 -2.43 2.70 -20.76
#